data_8R9A
#
_entry.id   8R9A
#
_cell.length_a   144.433
_cell.length_b   40.417
_cell.length_c   68.676
_cell.angle_alpha   90.000
_cell.angle_beta   90.000
_cell.angle_gamma   90.000
#
_symmetry.space_group_name_H-M   'P 21 21 2'
#
loop_
_entity.id
_entity.type
_entity.pdbx_description
1 polymer 'Cyclin-dependent kinase 7'
2 non-polymer DI(HYDROXYETHYL)ETHER
3 non-polymer (3R,4R)-4-[[[7-[(phenylmethyl)amino]-3-propan-2-yl-pyrazolo[1,5-a]pyrimidin-5-yl]amino]methyl]piperidin-3-ol
4 water water
#
_entity_poly.entity_id   1
_entity_poly.type   'polypeptide(L)'
_entity_poly.pdbx_seq_one_letter_code
;MSYYHHHHHHDYDIPTTENLYFQGSMALDVKSRAKRYEKLDFLGEGQFATVYKARDKNTNQIVAIKKIKLGHRSEAKDGI
NRTALREIKLLQELSHPNIIGLLDAFGHKSNISLVFDFMETDLEVIIKDNSLVLTPSHIKAYMLMTLQGLEYLHQHRILH
RDLKPNNLLLDENGVLKLADFGLAKSFGDPNRAYEHQVVTRWYRAPELLFGARMYGVGVDMWAVGCILAELLLRVPFLPG
DSDLDQLTRIFETLGTPTEEQWPDMCSLPDYVTFKSFPGIPLHHIFSAAGDDLLDLIQGLFLFNPCARITATQALKMKYF
SNRPGPTPGCQLPRPNCPVETLKEQSNPALAIKRKRTEALEQGGLPKKLIF
;
_entity_poly.pdbx_strand_id   A
#
loop_
_chem_comp.id
_chem_comp.type
_chem_comp.name
_chem_comp.formula
I74 non-polymer (3R,4R)-4-[[[7-[(phenylmethyl)amino]-3-propan-2-yl-pyrazolo[1,5-a]pyrimidin-5-yl]amino]methyl]piperidin-3-ol 'C22 H30 N6 O'
PEG non-polymer DI(HYDROXYETHYL)ETHER 'C4 H10 O3'
#
# COMPACT_ATOMS: atom_id res chain seq x y z
N LYS A 35 17.93 -5.66 26.44
CA LYS A 35 19.03 -6.39 27.14
C LYS A 35 19.74 -7.34 26.15
N ARG A 36 19.08 -7.73 25.07
CA ARG A 36 19.68 -8.60 24.06
C ARG A 36 20.12 -7.77 22.83
N TYR A 37 19.58 -6.57 22.67
CA TYR A 37 19.80 -5.80 21.45
C TYR A 37 20.47 -4.46 21.80
N GLU A 38 21.58 -4.18 21.13
CA GLU A 38 22.32 -2.93 21.34
C GLU A 38 21.57 -1.79 20.66
N LYS A 39 20.91 -0.94 21.46
CA LYS A 39 20.28 0.27 20.96
C LYS A 39 21.31 1.13 20.22
N LEU A 40 20.94 1.63 19.04
CA LEU A 40 21.81 2.50 18.25
C LEU A 40 21.08 3.83 18.02
N ASP A 41 20.57 4.03 16.81
CA ASP A 41 20.07 5.32 16.35
C ASP A 41 18.54 5.35 16.30
N PHE A 42 17.97 6.45 16.76
CA PHE A 42 16.53 6.72 16.68
C PHE A 42 16.08 6.71 15.21
N LEU A 43 14.83 6.29 14.96
CA LEU A 43 14.32 6.11 13.55
C LEU A 43 12.88 6.64 13.36
N GLY A 44 12.13 7.00 14.40
CA GLY A 44 10.73 7.49 14.18
C GLY A 44 9.87 7.55 15.44
N GLU A 45 8.83 8.40 15.38
CA GLU A 45 7.82 8.54 16.44
C GLU A 45 6.44 8.67 15.76
N GLY A 46 5.49 7.81 16.13
CA GLY A 46 4.19 7.75 15.47
C GLY A 46 3.12 8.52 16.22
N ALA A 49 3.73 5.18 18.31
CA ALA A 49 4.77 4.18 18.55
C ALA A 49 6.14 4.86 18.62
N THR A 50 7.22 4.08 18.47
CA THR A 50 8.60 4.59 18.63
C THR A 50 9.61 3.56 18.12
N VAL A 51 10.38 3.90 17.08
CA VAL A 51 11.28 2.93 16.40
C VAL A 51 12.76 3.30 16.66
N TYR A 52 13.61 2.27 16.74
CA TYR A 52 15.04 2.43 16.98
C TYR A 52 15.84 1.38 16.20
N LYS A 53 17.03 1.76 15.79
CA LYS A 53 17.97 0.79 15.25
C LYS A 53 18.67 0.07 16.42
N ALA A 54 19.14 -1.15 16.15
CA ALA A 54 19.74 -1.94 17.19
C ALA A 54 20.62 -3.05 16.58
N ARG A 55 21.61 -3.46 17.35
CA ARG A 55 22.50 -4.54 16.99
C ARG A 55 22.27 -5.70 17.96
N ASP A 56 21.78 -6.81 17.41
CA ASP A 56 21.59 -8.04 18.18
C ASP A 56 22.93 -8.57 18.66
N LYS A 57 23.02 -8.90 19.95
CA LYS A 57 24.31 -9.21 20.58
C LYS A 57 24.77 -10.63 20.18
N ASN A 58 23.81 -11.48 19.83
CA ASN A 58 24.11 -12.89 19.54
C ASN A 58 24.69 -13.01 18.12
N THR A 59 23.91 -12.58 17.13
CA THR A 59 24.29 -12.68 15.71
C THR A 59 25.04 -11.42 15.23
N ASN A 60 24.96 -10.33 15.99
CA ASN A 60 25.64 -9.07 15.66
C ASN A 60 24.86 -8.34 14.55
N GLN A 61 23.66 -8.84 14.25
CA GLN A 61 22.88 -8.40 13.09
C GLN A 61 22.14 -7.11 13.44
N ILE A 62 21.88 -6.32 12.39
CA ILE A 62 21.21 -5.03 12.54
C ILE A 62 19.70 -5.26 12.36
N VAL A 63 18.93 -4.63 13.24
CA VAL A 63 17.50 -4.78 13.28
C VAL A 63 16.87 -3.43 13.60
N ALA A 64 15.55 -3.39 13.46
CA ALA A 64 14.77 -2.24 13.89
C ALA A 64 13.80 -2.71 14.99
N ILE A 65 13.79 -1.99 16.12
CA ILE A 65 12.96 -2.30 17.31
C ILE A 65 11.81 -1.28 17.34
N LYS A 66 10.57 -1.76 17.35
CA LYS A 66 9.39 -0.88 17.43
C LYS A 66 8.81 -0.99 18.84
N LYS A 67 8.55 0.15 19.47
CA LYS A 67 8.33 0.22 20.92
C LYS A 67 7.37 1.36 21.25
N ASN A 81 -1.22 -3.39 23.89
CA ASN A 81 -2.63 -3.06 23.73
C ASN A 81 -3.32 -4.26 23.06
N ARG A 82 -4.65 -4.18 22.93
CA ARG A 82 -5.43 -5.22 22.28
C ARG A 82 -4.94 -5.43 20.84
N THR A 83 -4.74 -4.32 20.11
CA THR A 83 -4.33 -4.37 18.69
C THR A 83 -2.83 -4.63 18.56
N ALA A 84 -2.06 -4.35 19.62
CA ALA A 84 -0.62 -4.67 19.66
C ALA A 84 -0.40 -6.18 19.59
N LEU A 85 -1.31 -6.94 20.20
CA LEU A 85 -1.29 -8.39 20.16
C LEU A 85 -1.81 -8.88 18.80
N ARG A 86 -2.87 -8.23 18.30
CA ARG A 86 -3.41 -8.53 16.96
C ARG A 86 -2.29 -8.36 15.93
N GLU A 87 -1.46 -7.33 16.10
CA GLU A 87 -0.34 -7.09 15.20
C GLU A 87 0.65 -8.26 15.28
N ILE A 88 1.14 -8.61 16.48
CA ILE A 88 2.08 -9.75 16.66
C ILE A 88 1.45 -11.06 16.18
N LYS A 89 0.16 -11.20 16.44
CA LYS A 89 -0.56 -12.38 16.00
C LYS A 89 -0.39 -12.52 14.49
N LEU A 90 -0.82 -11.49 13.77
CA LEU A 90 -0.86 -11.59 12.31
C LEU A 90 0.57 -11.79 11.77
N LEU A 91 1.59 -11.26 12.45
CA LEU A 91 2.94 -11.16 11.89
C LEU A 91 3.82 -12.36 12.24
N GLN A 92 3.71 -12.89 13.45
CA GLN A 92 4.56 -14.03 13.84
C GLN A 92 4.24 -15.24 12.95
N GLU A 93 2.99 -15.25 12.52
CA GLU A 93 2.48 -16.22 11.56
C GLU A 93 3.34 -16.19 10.28
N LEU A 94 3.41 -15.01 9.69
CA LEU A 94 3.62 -14.88 8.25
C LEU A 94 5.10 -14.93 7.90
N SER A 95 5.34 -15.45 6.70
CA SER A 95 6.67 -15.48 6.12
C SER A 95 6.54 -15.37 4.59
N HIS A 96 7.05 -14.24 4.10
CA HIS A 96 7.09 -13.94 2.69
C HIS A 96 8.17 -12.87 2.45
N PRO A 97 9.02 -13.06 1.45
CA PRO A 97 10.12 -12.14 1.19
C PRO A 97 9.69 -10.66 1.05
N ASN A 98 8.43 -10.42 0.75
CA ASN A 98 8.00 -9.09 0.47
C ASN A 98 7.10 -8.61 1.63
N ILE A 99 7.12 -9.30 2.78
CA ILE A 99 6.43 -8.91 4.03
C ILE A 99 7.51 -8.81 5.11
N ILE A 100 7.47 -7.74 5.89
N ILE A 100 7.46 -7.73 5.89
CA ILE A 100 8.52 -7.53 6.87
CA ILE A 100 8.40 -7.52 6.99
C ILE A 100 8.47 -8.72 7.86
C ILE A 100 8.44 -8.77 7.88
N GLY A 101 9.64 -9.13 8.32
CA GLY A 101 9.79 -10.37 9.09
C GLY A 101 9.91 -10.09 10.56
N LEU A 102 8.91 -10.51 11.35
CA LEU A 102 8.99 -10.29 12.79
C LEU A 102 9.91 -11.36 13.38
N LEU A 103 11.02 -10.91 13.93
CA LEU A 103 12.12 -11.77 14.34
C LEU A 103 11.96 -12.18 15.80
N ASP A 104 11.44 -11.26 16.62
CA ASP A 104 11.36 -11.44 18.06
C ASP A 104 10.40 -10.41 18.69
N ALA A 105 9.90 -10.69 19.89
CA ALA A 105 9.17 -9.66 20.66
C ALA A 105 9.51 -9.77 22.15
N PHE A 106 8.99 -8.82 22.93
CA PHE A 106 9.08 -8.87 24.39
C PHE A 106 8.18 -7.77 24.99
N GLY A 107 7.79 -7.94 26.25
CA GLY A 107 6.89 -7.01 26.94
C GLY A 107 7.63 -5.77 27.41
N SER A 110 5.87 -2.22 31.10
CA SER A 110 6.10 -3.24 30.09
C SER A 110 5.31 -2.90 28.82
N ASN A 111 5.70 -1.84 28.12
CA ASN A 111 5.23 -1.64 26.74
C ASN A 111 6.04 -2.60 25.84
N ILE A 112 5.46 -2.94 24.69
CA ILE A 112 5.90 -4.10 23.90
C ILE A 112 6.96 -3.63 22.87
N SER A 113 7.80 -4.57 22.42
CA SER A 113 8.88 -4.24 21.49
C SER A 113 9.00 -5.30 20.39
N LEU A 114 8.70 -4.88 19.17
CA LEU A 114 8.74 -5.75 17.97
C LEU A 114 10.08 -5.57 17.25
N VAL A 115 10.78 -6.68 17.03
CA VAL A 115 12.09 -6.66 16.39
C VAL A 115 11.95 -7.13 14.94
N PHE A 116 12.31 -6.28 13.98
CA PHE A 116 12.33 -6.67 12.56
C PHE A 116 13.70 -6.36 11.94
N ASP A 117 13.91 -6.84 10.71
CA ASP A 117 15.17 -6.57 10.02
C ASP A 117 15.21 -5.10 9.67
N PHE A 118 16.42 -4.54 9.66
CA PHE A 118 16.59 -3.15 9.31
C PHE A 118 16.28 -2.97 7.83
N MET A 119 15.66 -1.87 7.50
CA MET A 119 15.46 -1.48 6.12
C MET A 119 16.08 -0.09 5.90
N GLU A 120 16.65 0.10 4.73
CA GLU A 120 17.47 1.29 4.45
C GLU A 120 16.58 2.48 4.04
N THR A 121 15.44 2.23 3.38
CA THR A 121 14.64 3.34 2.81
C THR A 121 13.22 2.85 2.54
N ASP A 122 12.47 3.61 1.74
CA ASP A 122 11.05 3.36 1.45
C ASP A 122 10.64 4.09 0.19
N LEU A 123 9.51 3.74 -0.41
CA LEU A 123 9.13 4.30 -1.72
C LEU A 123 8.93 5.82 -1.65
N GLU A 124 8.44 6.36 -0.53
CA GLU A 124 8.23 7.80 -0.44
C GLU A 124 9.55 8.54 -0.65
N VAL A 125 10.61 8.06 0.01
CA VAL A 125 11.94 8.69 -0.05
C VAL A 125 12.42 8.66 -1.50
N ILE A 126 12.24 7.51 -2.11
CA ILE A 126 12.64 7.31 -3.50
CA ILE A 126 12.65 7.31 -3.50
C ILE A 126 11.82 8.24 -4.40
N ILE A 127 10.49 8.20 -4.20
CA ILE A 127 9.61 9.00 -5.02
C ILE A 127 10.03 10.48 -4.89
N LYS A 128 10.48 10.89 -3.70
CA LYS A 128 10.73 12.34 -3.45
C LYS A 128 12.17 12.73 -3.79
N ASP A 129 12.96 11.77 -4.26
CA ASP A 129 14.35 12.01 -4.53
C ASP A 129 14.58 12.32 -6.03
N ASN A 130 14.75 13.62 -6.30
CA ASN A 130 14.85 14.21 -7.63
C ASN A 130 16.09 13.67 -8.37
N SER A 131 17.11 13.28 -7.62
CA SER A 131 18.31 12.65 -8.17
C SER A 131 17.96 11.35 -8.90
N LEU A 132 16.83 10.72 -8.57
CA LEU A 132 16.43 9.45 -9.18
C LEU A 132 15.40 9.69 -10.30
N VAL A 133 15.63 8.99 -11.41
CA VAL A 133 14.70 8.93 -12.53
C VAL A 133 14.18 7.49 -12.55
N LEU A 134 12.88 7.29 -12.35
CA LEU A 134 12.32 5.91 -12.33
C LEU A 134 12.08 5.48 -13.77
N THR A 135 12.66 4.35 -14.18
CA THR A 135 12.41 3.80 -15.48
C THR A 135 11.19 2.88 -15.43
N PRO A 136 10.58 2.62 -16.61
CA PRO A 136 9.52 1.58 -16.68
C PRO A 136 9.89 0.24 -16.02
N SER A 137 11.14 -0.19 -16.15
CA SER A 137 11.61 -1.45 -15.50
C SER A 137 11.64 -1.28 -13.97
N HIS A 138 12.05 -0.10 -13.52
CA HIS A 138 12.11 0.18 -12.06
C HIS A 138 10.71 0.01 -11.47
N ILE A 139 9.76 0.62 -12.15
CA ILE A 139 8.35 0.71 -11.72
C ILE A 139 7.72 -0.69 -11.76
N LYS A 140 7.99 -1.42 -12.84
CA LYS A 140 7.54 -2.81 -12.95
C LYS A 140 8.07 -3.61 -11.74
N ALA A 141 9.32 -3.42 -11.31
CA ALA A 141 9.90 -4.22 -10.20
C ALA A 141 9.20 -3.93 -8.87
N TYR A 142 9.00 -2.64 -8.59
CA TYR A 142 8.42 -2.25 -7.31
C TYR A 142 7.02 -2.84 -7.20
N MET A 143 6.27 -2.71 -8.30
CA MET A 143 4.90 -3.20 -8.37
C MET A 143 4.88 -4.73 -8.23
N LEU A 144 5.75 -5.42 -8.97
CA LEU A 144 5.74 -6.85 -8.93
C LEU A 144 5.87 -7.29 -7.47
N MET A 145 6.86 -6.77 -6.75
CA MET A 145 7.12 -7.18 -5.36
CA MET A 145 7.12 -7.18 -5.36
C MET A 145 5.92 -6.78 -4.47
N THR A 146 5.44 -5.56 -4.65
CA THR A 146 4.31 -5.10 -3.89
C THR A 146 3.14 -6.07 -4.07
N LEU A 147 2.88 -6.47 -5.31
CA LEU A 147 1.69 -7.27 -5.57
C LEU A 147 1.90 -8.73 -5.14
N GLN A 148 3.14 -9.21 -5.17
CA GLN A 148 3.38 -10.57 -4.72
C GLN A 148 3.22 -10.66 -3.19
N GLY A 149 3.59 -9.61 -2.51
CA GLY A 149 3.37 -9.57 -1.07
C GLY A 149 1.89 -9.46 -0.72
N LEU A 150 1.16 -8.69 -1.51
CA LEU A 150 -0.26 -8.39 -1.23
C LEU A 150 -1.08 -9.64 -1.58
N GLU A 151 -0.76 -10.29 -2.69
CA GLU A 151 -1.39 -11.63 -3.07
C GLU A 151 -1.28 -12.67 -1.95
N TYR A 152 -0.11 -12.77 -1.33
CA TYR A 152 0.14 -13.62 -0.17
C TYR A 152 -0.80 -13.24 0.96
N LEU A 153 -0.81 -11.94 1.31
CA LEU A 153 -1.62 -11.49 2.44
C LEU A 153 -3.07 -11.84 2.22
N HIS A 154 -3.56 -11.52 1.04
CA HIS A 154 -4.92 -11.77 0.70
C HIS A 154 -5.17 -13.28 0.66
N GLN A 155 -4.19 -14.11 0.26
CA GLN A 155 -4.46 -15.56 0.29
C GLN A 155 -4.59 -16.07 1.73
N HIS A 156 -4.13 -15.31 2.68
CA HIS A 156 -4.21 -15.63 4.08
C HIS A 156 -5.29 -14.79 4.74
N ARG A 157 -6.21 -14.26 3.92
CA ARG A 157 -7.43 -13.55 4.36
C ARG A 157 -7.08 -12.41 5.33
N ILE A 158 -6.08 -11.61 4.94
CA ILE A 158 -5.66 -10.48 5.71
C ILE A 158 -5.73 -9.22 4.84
N LEU A 159 -6.31 -8.16 5.38
CA LEU A 159 -6.24 -6.80 4.78
C LEU A 159 -5.15 -5.98 5.46
N HIS A 160 -4.35 -5.28 4.64
CA HIS A 160 -3.33 -4.35 5.14
C HIS A 160 -3.99 -3.09 5.71
N ARG A 161 -4.87 -2.45 4.91
CA ARG A 161 -5.66 -1.26 5.25
C ARG A 161 -4.82 0.03 5.50
N ASP A 162 -3.56 0.07 5.14
CA ASP A 162 -2.73 1.28 5.34
C ASP A 162 -1.58 1.20 4.35
N LEU A 163 -1.91 0.94 3.09
CA LEU A 163 -0.92 0.86 2.02
C LEU A 163 -0.68 2.28 1.52
N LYS A 164 0.57 2.71 1.69
CA LYS A 164 1.06 3.97 1.10
C LYS A 164 2.58 3.91 0.98
N PRO A 165 3.18 4.77 0.15
CA PRO A 165 4.58 4.59 -0.23
C PRO A 165 5.55 4.44 0.96
N ASN A 166 5.27 5.09 2.09
CA ASN A 166 6.22 5.02 3.19
C ASN A 166 6.01 3.71 3.95
N ASN A 167 4.96 2.95 3.65
CA ASN A 167 4.82 1.65 4.25
C ASN A 167 5.35 0.57 3.30
N LEU A 168 5.98 0.93 2.19
CA LEU A 168 6.72 -0.09 1.36
C LEU A 168 8.17 0.21 1.59
N LEU A 169 8.84 -0.66 2.35
CA LEU A 169 10.26 -0.47 2.72
C LEU A 169 11.16 -1.28 1.81
N LEU A 170 12.41 -0.80 1.67
CA LEU A 170 13.39 -1.46 0.83
C LEU A 170 14.69 -1.63 1.60
N ASP A 171 15.24 -2.83 1.45
CA ASP A 171 16.46 -3.21 2.07
C ASP A 171 17.52 -2.83 1.04
N GLU A 172 18.78 -2.92 1.45
CA GLU A 172 19.89 -2.50 0.61
C GLU A 172 20.12 -3.47 -0.57
N ASN A 173 19.30 -4.48 -0.75
CA ASN A 173 19.44 -5.33 -1.95
C ASN A 173 18.25 -5.09 -2.88
N GLY A 174 17.42 -4.13 -2.52
CA GLY A 174 16.30 -3.76 -3.37
C GLY A 174 15.14 -4.73 -3.23
N VAL A 175 15.04 -5.38 -2.07
CA VAL A 175 13.87 -6.16 -1.77
C VAL A 175 12.89 -5.22 -1.04
N LEU A 176 11.71 -5.05 -1.68
CA LEU A 176 10.59 -4.29 -1.17
C LEU A 176 9.80 -5.18 -0.20
N LYS A 177 9.29 -4.59 0.88
CA LYS A 177 8.55 -5.34 1.90
C LYS A 177 7.39 -4.49 2.42
N LEU A 178 6.19 -5.09 2.56
CA LEU A 178 5.08 -4.38 3.24
C LEU A 178 5.38 -4.33 4.72
N ALA A 179 5.02 -3.20 5.33
CA ALA A 179 5.29 -2.96 6.72
C ALA A 179 4.12 -2.21 7.36
N ASP A 180 4.27 -2.07 8.66
CA ASP A 180 3.32 -1.41 9.55
C ASP A 180 1.95 -1.99 9.39
N PHE A 181 1.77 -3.11 10.06
CA PHE A 181 0.53 -3.84 10.08
C PHE A 181 -0.30 -3.42 11.30
N GLY A 182 -0.19 -2.16 11.67
CA GLY A 182 -0.93 -1.68 12.84
C GLY A 182 -2.43 -1.62 12.58
N LEU A 183 -2.84 -1.53 11.31
CA LEU A 183 -4.27 -1.55 10.90
C LEU A 183 -4.68 -2.90 10.27
N ALA A 184 -3.76 -3.82 9.98
CA ALA A 184 -4.16 -5.05 9.28
C ALA A 184 -5.17 -5.82 10.15
N LYS A 185 -6.18 -6.42 9.49
CA LYS A 185 -7.21 -7.25 10.16
C LYS A 185 -7.53 -8.47 9.28
N SER A 186 -7.92 -9.57 9.89
CA SER A 186 -8.43 -10.73 9.16
C SER A 186 -9.71 -10.33 8.41
N PHE A 187 -9.98 -10.89 7.24
CA PHE A 187 -11.11 -10.40 6.44
C PHE A 187 -12.39 -10.33 7.27
N GLY A 188 -12.66 -11.36 8.10
CA GLY A 188 -13.97 -11.51 8.74
C GLY A 188 -14.22 -10.53 9.88
N ASP A 189 -13.16 -10.09 10.58
CA ASP A 189 -13.33 -9.24 11.76
C ASP A 189 -14.18 -8.01 11.47
N PRO A 190 -15.11 -7.69 12.39
CA PRO A 190 -16.05 -6.59 12.17
C PRO A 190 -15.39 -5.22 12.37
N ASN A 191 -15.94 -4.20 11.70
CA ASN A 191 -15.49 -2.80 11.82
C ASN A 191 -16.47 -2.01 12.69
N ARG A 192 -15.99 -1.49 13.82
CA ARG A 192 -16.84 -0.64 14.66
C ARG A 192 -17.00 0.73 13.99
N ALA A 193 -17.93 1.54 14.51
CA ALA A 193 -18.28 2.83 13.90
C ALA A 193 -17.31 3.91 14.38
N TYR A 194 -16.92 3.88 15.65
CA TYR A 194 -16.13 4.97 16.26
C TYR A 194 -14.68 4.52 16.51
N GLU A 195 -14.37 3.23 16.41
CA GLU A 195 -12.99 2.75 16.57
C GLU A 195 -12.36 2.49 15.19
N HIS A 196 -13.06 2.85 14.12
CA HIS A 196 -12.71 2.43 12.75
C HIS A 196 -11.41 3.09 12.29
N GLN A 197 -10.47 2.25 11.84
CA GLN A 197 -9.16 2.70 11.38
C GLN A 197 -9.12 2.63 9.84
N VAL A 198 -8.69 3.73 9.23
CA VAL A 198 -8.86 3.98 7.78
C VAL A 198 -7.56 4.63 7.27
N VAL A 199 -7.09 4.25 6.06
CA VAL A 199 -5.77 4.77 5.54
C VAL A 199 -5.84 6.31 5.49
N THR A 200 -4.70 6.99 5.38
CA THR A 200 -4.65 8.45 5.07
C THR A 200 -5.32 8.73 3.73
N ARG A 201 -6.00 9.87 3.67
CA ARG A 201 -7.12 10.04 2.77
C ARG A 201 -6.68 9.91 1.31
N TRP A 202 -5.49 10.35 0.91
CA TRP A 202 -5.09 10.29 -0.49
C TRP A 202 -5.08 8.86 -1.07
N TYR A 203 -5.00 7.82 -0.25
CA TYR A 203 -4.86 6.42 -0.74
C TYR A 203 -6.17 5.66 -0.52
N ARG A 204 -7.13 6.35 0.10
CA ARG A 204 -8.34 5.78 0.56
C ARG A 204 -9.40 5.64 -0.54
N ALA A 205 -10.02 4.46 -0.52
CA ALA A 205 -10.83 4.06 -1.63
C ALA A 205 -12.19 4.70 -1.45
N PRO A 206 -12.92 4.86 -2.55
CA PRO A 206 -14.20 5.56 -2.51
C PRO A 206 -15.22 4.92 -1.55
N GLU A 207 -15.31 3.61 -1.56
CA GLU A 207 -16.25 2.95 -0.66
C GLU A 207 -15.99 3.34 0.80
N LEU A 208 -14.72 3.52 1.20
CA LEU A 208 -14.40 3.89 2.60
C LEU A 208 -14.76 5.38 2.81
N LEU A 209 -14.52 6.19 1.81
CA LEU A 209 -14.89 7.60 1.94
C LEU A 209 -16.42 7.76 2.02
N PHE A 210 -17.15 6.80 1.44
CA PHE A 210 -18.59 6.79 1.61
C PHE A 210 -19.03 5.98 2.83
N GLY A 211 -18.11 5.68 3.74
CA GLY A 211 -18.45 5.18 5.06
C GLY A 211 -18.80 3.69 5.10
N ALA A 212 -18.33 2.92 4.10
CA ALA A 212 -18.52 1.46 4.12
C ALA A 212 -17.85 0.86 5.37
N ARG A 213 -18.58 -0.07 5.97
CA ARG A 213 -18.12 -0.83 7.11
C ARG A 213 -17.84 -2.27 6.68
N MET A 214 -18.48 -2.72 5.61
CA MET A 214 -18.20 -4.02 5.02
CA MET A 214 -18.17 -4.04 5.05
C MET A 214 -17.32 -3.83 3.78
N TYR A 215 -16.10 -4.33 3.80
CA TYR A 215 -15.25 -4.14 2.66
C TYR A 215 -14.18 -5.23 2.60
N GLY A 216 -13.39 -5.22 1.52
CA GLY A 216 -12.52 -6.33 1.20
C GLY A 216 -11.25 -5.86 0.53
N VAL A 217 -10.74 -6.69 -0.36
N VAL A 217 -10.72 -6.69 -0.37
CA VAL A 217 -9.38 -6.54 -0.91
CA VAL A 217 -9.35 -6.51 -0.90
C VAL A 217 -9.27 -5.23 -1.70
C VAL A 217 -9.25 -5.20 -1.71
N GLY A 218 -10.36 -4.85 -2.38
CA GLY A 218 -10.42 -3.60 -3.18
C GLY A 218 -9.95 -2.37 -2.43
N VAL A 219 -9.95 -2.45 -1.10
CA VAL A 219 -9.46 -1.33 -0.34
C VAL A 219 -7.92 -1.25 -0.44
N ASP A 220 -7.28 -2.42 -0.43
CA ASP A 220 -5.84 -2.45 -0.64
C ASP A 220 -5.46 -2.21 -2.11
N MET A 221 -6.28 -2.74 -3.02
CA MET A 221 -5.97 -2.64 -4.45
C MET A 221 -6.09 -1.16 -4.90
N TRP A 222 -6.99 -0.40 -4.30
CA TRP A 222 -7.09 1.04 -4.67
C TRP A 222 -5.82 1.78 -4.26
N ALA A 223 -5.41 1.47 -3.03
CA ALA A 223 -4.20 2.07 -2.47
C ALA A 223 -3.00 1.77 -3.35
N VAL A 224 -2.92 0.56 -3.91
CA VAL A 224 -1.80 0.17 -4.82
C VAL A 224 -1.88 0.94 -6.13
N GLY A 225 -3.09 1.14 -6.67
CA GLY A 225 -3.33 2.07 -7.75
C GLY A 225 -2.81 3.47 -7.42
N CYS A 226 -3.21 4.09 -6.30
CA CYS A 226 -2.64 5.38 -5.97
C CYS A 226 -1.12 5.33 -5.81
N ILE A 227 -0.56 4.23 -5.32
CA ILE A 227 0.90 4.17 -5.26
C ILE A 227 1.47 4.13 -6.69
N LEU A 228 0.86 3.33 -7.55
CA LEU A 228 1.41 3.22 -8.91
C LEU A 228 1.38 4.60 -9.60
N ALA A 229 0.31 5.35 -9.36
CA ALA A 229 0.18 6.67 -9.99
C ALA A 229 1.29 7.59 -9.50
N GLU A 230 1.66 7.41 -8.23
CA GLU A 230 2.65 8.25 -7.55
C GLU A 230 4.06 7.94 -8.06
N LEU A 231 4.30 6.70 -8.37
CA LEU A 231 5.53 6.29 -9.03
C LEU A 231 5.62 6.88 -10.43
N LEU A 232 4.49 7.00 -11.11
CA LEU A 232 4.48 7.54 -12.47
C LEU A 232 4.57 9.07 -12.49
N LEU A 233 3.84 9.75 -11.59
CA LEU A 233 3.78 11.22 -11.62
C LEU A 233 4.83 11.84 -10.69
N ARG A 234 5.35 11.07 -9.72
CA ARG A 234 6.33 11.48 -8.70
C ARG A 234 5.68 12.50 -7.73
N VAL A 235 4.38 12.70 -7.83
CA VAL A 235 3.62 13.45 -6.81
C VAL A 235 2.41 12.58 -6.40
N PRO A 236 1.78 12.85 -5.25
CA PRO A 236 0.49 12.20 -4.98
C PRO A 236 -0.55 12.39 -6.10
N PHE A 237 -1.25 11.31 -6.39
CA PHE A 237 -2.17 11.24 -7.51
C PHE A 237 -3.42 12.06 -7.19
N LEU A 238 -3.92 11.91 -5.96
CA LEU A 238 -5.24 12.40 -5.55
C LEU A 238 -5.16 13.06 -4.15
N PRO A 239 -4.55 14.25 -4.09
CA PRO A 239 -4.26 14.92 -2.83
C PRO A 239 -5.43 15.71 -2.20
N GLY A 240 -6.48 15.04 -1.82
CA GLY A 240 -7.61 15.72 -1.14
C GLY A 240 -7.19 16.49 0.08
N ASP A 241 -7.76 17.66 0.28
CA ASP A 241 -7.53 18.42 1.53
C ASP A 241 -8.63 18.22 2.56
N SER A 242 -9.54 17.29 2.30
CA SER A 242 -10.60 16.90 3.27
C SER A 242 -11.19 15.58 2.77
N ASP A 243 -12.01 14.89 3.56
CA ASP A 243 -12.62 13.66 3.07
C ASP A 243 -13.63 13.95 1.96
N LEU A 244 -14.36 15.06 2.08
CA LEU A 244 -15.25 15.47 0.98
C LEU A 244 -14.40 15.83 -0.24
N ASP A 245 -13.27 16.50 -0.05
CA ASP A 245 -12.47 16.95 -1.18
C ASP A 245 -11.75 15.77 -1.84
N GLN A 246 -11.59 14.68 -1.08
CA GLN A 246 -10.93 13.47 -1.59
C GLN A 246 -11.84 12.82 -2.63
N LEU A 247 -13.13 12.79 -2.35
CA LEU A 247 -14.10 12.28 -3.32
C LEU A 247 -14.20 13.25 -4.50
N THR A 248 -14.25 14.56 -4.24
CA THR A 248 -14.29 15.55 -5.35
C THR A 248 -13.21 15.24 -6.41
N ARG A 249 -12.02 15.01 -5.88
CA ARG A 249 -10.83 14.84 -6.65
C ARG A 249 -10.88 13.51 -7.43
N ILE A 250 -11.38 12.48 -6.76
CA ILE A 250 -11.54 11.18 -7.36
C ILE A 250 -12.50 11.33 -8.56
N PHE A 251 -13.63 12.00 -8.34
CA PHE A 251 -14.61 12.02 -9.41
C PHE A 251 -14.15 12.92 -10.56
N GLU A 252 -13.52 14.07 -10.25
CA GLU A 252 -13.14 14.96 -11.35
C GLU A 252 -11.92 14.40 -12.10
N THR A 253 -11.23 13.41 -11.55
CA THR A 253 -10.14 12.80 -12.25
C THR A 253 -10.68 11.63 -13.08
N LEU A 254 -11.56 10.83 -12.48
CA LEU A 254 -11.92 9.52 -13.02
C LEU A 254 -13.36 9.53 -13.55
N GLY A 255 -14.11 10.59 -13.25
CA GLY A 255 -15.52 10.66 -13.64
C GLY A 255 -16.44 10.29 -12.49
N THR A 256 -17.54 11.02 -12.30
CA THR A 256 -18.50 10.62 -11.27
C THR A 256 -19.15 9.33 -11.77
N PRO A 257 -19.20 8.28 -10.93
CA PRO A 257 -19.72 6.96 -11.36
C PRO A 257 -21.17 6.94 -11.87
N THR A 258 -21.42 6.19 -12.95
CA THR A 258 -22.78 5.80 -13.31
C THR A 258 -23.25 4.69 -12.35
N GLU A 259 -24.53 4.34 -12.46
CA GLU A 259 -25.07 3.21 -11.70
C GLU A 259 -24.58 1.90 -12.33
N GLU A 260 -24.28 1.93 -13.62
CA GLU A 260 -23.70 0.79 -14.30
C GLU A 260 -22.30 0.52 -13.73
N GLN A 261 -21.49 1.56 -13.55
CA GLN A 261 -20.12 1.41 -13.03
C GLN A 261 -20.14 0.96 -11.57
N TRP A 262 -21.12 1.41 -10.79
CA TRP A 262 -21.13 1.13 -9.36
C TRP A 262 -22.56 0.93 -8.85
N PRO A 263 -23.17 -0.23 -9.12
CA PRO A 263 -24.55 -0.56 -8.71
C PRO A 263 -25.01 -0.10 -7.32
N ASP A 264 -24.27 -0.46 -6.27
CA ASP A 264 -24.71 -0.23 -4.88
C ASP A 264 -24.47 1.19 -4.35
N MET A 265 -23.77 2.02 -5.10
CA MET A 265 -23.15 3.23 -4.57
C MET A 265 -24.16 3.99 -3.70
N CYS A 266 -25.38 4.11 -4.19
CA CYS A 266 -26.40 4.94 -3.56
C CYS A 266 -26.82 4.40 -2.20
N SER A 267 -26.61 3.12 -1.95
CA SER A 267 -27.04 2.54 -0.68
C SER A 267 -25.88 2.59 0.34
N LEU A 268 -24.74 3.19 0.01
CA LEU A 268 -23.66 3.32 0.98
C LEU A 268 -24.12 4.25 2.11
N PRO A 269 -23.55 4.10 3.32
CA PRO A 269 -24.10 4.79 4.52
C PRO A 269 -23.97 6.32 4.47
N ASP A 270 -22.83 6.80 3.96
CA ASP A 270 -22.51 8.22 3.87
C ASP A 270 -22.59 8.67 2.44
N TYR A 271 -23.36 7.96 1.58
CA TYR A 271 -23.53 8.37 0.19
C TYR A 271 -24.24 9.73 0.15
N VAL A 272 -23.70 10.60 -0.70
CA VAL A 272 -24.13 11.97 -0.86
C VAL A 272 -23.94 12.34 -2.35
N THR A 273 -24.66 13.33 -2.83
CA THR A 273 -24.69 13.54 -4.28
C THR A 273 -23.68 14.61 -4.68
N PHE A 274 -22.66 14.17 -5.41
CA PHE A 274 -21.69 15.07 -6.03
C PHE A 274 -22.17 15.43 -7.44
N LYS A 275 -21.72 16.59 -7.92
CA LYS A 275 -21.84 17.03 -9.32
C LYS A 275 -21.30 15.94 -10.27
N SER A 276 -21.77 15.99 -11.52
CA SER A 276 -21.26 15.09 -12.55
C SER A 276 -19.96 15.64 -13.15
N PHE A 277 -18.91 14.83 -13.11
CA PHE A 277 -17.65 15.14 -13.76
C PHE A 277 -17.39 14.09 -14.84
N PRO A 278 -16.90 14.54 -16.00
CA PRO A 278 -16.55 13.54 -17.04
C PRO A 278 -15.30 12.71 -16.72
N GLY A 279 -14.37 13.27 -15.96
CA GLY A 279 -13.10 12.62 -15.74
C GLY A 279 -12.14 12.83 -16.90
N ILE A 280 -10.92 12.37 -16.72
CA ILE A 280 -9.86 12.59 -17.67
C ILE A 280 -9.33 11.23 -18.15
N PRO A 281 -9.23 11.02 -19.46
CA PRO A 281 -8.60 9.81 -20.01
C PRO A 281 -7.22 9.57 -19.38
N LEU A 282 -6.91 8.31 -19.03
CA LEU A 282 -5.70 7.97 -18.27
C LEU A 282 -4.44 8.21 -19.12
N HIS A 283 -4.57 8.12 -20.45
CA HIS A 283 -3.42 8.33 -21.35
C HIS A 283 -3.05 9.82 -21.39
N HIS A 284 -4.04 10.67 -21.07
CA HIS A 284 -3.84 12.10 -20.80
C HIS A 284 -3.12 12.30 -19.48
N ILE A 285 -3.47 11.50 -18.48
CA ILE A 285 -2.90 11.69 -17.14
C ILE A 285 -1.49 11.09 -17.10
N PHE A 286 -1.40 9.90 -17.66
CA PHE A 286 -0.19 9.11 -17.68
C PHE A 286 0.28 8.99 -19.14
N SER A 287 0.99 10.01 -19.59
CA SER A 287 1.27 10.17 -21.03
C SER A 287 2.46 9.30 -21.46
N ALA A 288 3.28 8.86 -20.51
CA ALA A 288 4.41 8.01 -20.78
C ALA A 288 3.99 6.53 -20.84
N ALA A 289 2.82 6.18 -20.30
CA ALA A 289 2.50 4.76 -20.03
C ALA A 289 1.98 4.04 -21.28
N GLY A 290 2.52 2.85 -21.55
CA GLY A 290 2.06 1.97 -22.63
C GLY A 290 0.69 1.42 -22.34
N ASP A 291 0.11 0.73 -23.32
CA ASP A 291 -1.28 0.30 -23.19
C ASP A 291 -1.46 -0.77 -22.14
N ASP A 292 -0.49 -1.69 -22.04
CA ASP A 292 -0.47 -2.72 -20.97
C ASP A 292 -0.52 -2.14 -19.54
N LEU A 293 0.16 -1.01 -19.32
CA LEU A 293 0.14 -0.35 -18.02
C LEU A 293 -1.17 0.39 -17.77
N LEU A 294 -1.66 1.04 -18.81
CA LEU A 294 -2.91 1.78 -18.75
C LEU A 294 -4.04 0.85 -18.29
N ASP A 295 -4.04 -0.39 -18.78
CA ASP A 295 -5.07 -1.37 -18.42
C ASP A 295 -4.94 -1.90 -16.99
N LEU A 296 -3.72 -1.94 -16.44
CA LEU A 296 -3.50 -2.32 -15.05
C LEU A 296 -4.04 -1.19 -14.15
N ILE A 297 -3.71 0.03 -14.49
CA ILE A 297 -4.16 1.21 -13.76
C ILE A 297 -5.69 1.23 -13.76
N GLN A 298 -6.29 1.19 -14.94
CA GLN A 298 -7.74 1.22 -15.05
CA GLN A 298 -7.72 1.21 -15.07
C GLN A 298 -8.33 0.11 -14.18
N GLY A 299 -7.69 -1.06 -14.16
CA GLY A 299 -8.17 -2.17 -13.37
C GLY A 299 -8.20 -1.86 -11.89
N LEU A 300 -7.18 -1.14 -11.43
CA LEU A 300 -6.99 -0.87 -10.00
C LEU A 300 -7.95 0.24 -9.54
N PHE A 301 -8.45 1.04 -10.48
CA PHE A 301 -9.26 2.20 -10.16
C PHE A 301 -10.72 2.00 -10.60
N LEU A 302 -11.16 0.76 -10.81
CA LEU A 302 -12.58 0.51 -11.04
C LEU A 302 -13.36 0.89 -9.79
N PHE A 303 -14.52 1.51 -9.99
CA PHE A 303 -15.27 2.06 -8.87
C PHE A 303 -15.98 0.94 -8.11
N ASN A 304 -16.60 -0.01 -8.81
CA ASN A 304 -17.21 -1.19 -8.17
C ASN A 304 -16.11 -2.00 -7.46
N PRO A 305 -16.13 -2.00 -6.13
CA PRO A 305 -15.14 -2.73 -5.36
C PRO A 305 -15.08 -4.23 -5.68
N CYS A 306 -16.10 -4.76 -6.37
CA CYS A 306 -16.19 -6.23 -6.70
C CYS A 306 -15.68 -6.54 -8.11
N ALA A 307 -15.67 -5.53 -8.96
CA ALA A 307 -15.10 -5.58 -10.30
C ALA A 307 -13.62 -5.20 -10.23
N ARG A 308 -13.25 -4.47 -9.18
CA ARG A 308 -11.86 -4.01 -9.04
C ARG A 308 -10.92 -5.22 -9.07
N ILE A 309 -9.79 -5.04 -9.75
N ILE A 309 -9.79 -5.07 -9.75
CA ILE A 309 -8.80 -6.10 -10.00
CA ILE A 309 -8.94 -6.23 -9.98
C ILE A 309 -8.17 -6.56 -8.67
C ILE A 309 -8.18 -6.57 -8.69
N THR A 310 -8.00 -7.88 -8.53
CA THR A 310 -7.35 -8.45 -7.36
C THR A 310 -5.84 -8.53 -7.58
N ALA A 311 -5.08 -8.78 -6.52
CA ALA A 311 -3.62 -8.84 -6.60
C ALA A 311 -3.21 -9.91 -7.64
N THR A 312 -3.90 -11.06 -7.54
CA THR A 312 -3.66 -12.17 -8.44
C THR A 312 -4.05 -11.78 -9.87
N GLN A 313 -5.22 -11.15 -10.07
CA GLN A 313 -5.60 -10.74 -11.43
C GLN A 313 -4.55 -9.76 -11.96
N ALA A 314 -4.16 -8.79 -11.13
CA ALA A 314 -3.12 -7.81 -11.50
C ALA A 314 -1.86 -8.55 -11.97
N LEU A 315 -1.47 -9.61 -11.26
CA LEU A 315 -0.17 -10.19 -11.48
C LEU A 315 -0.15 -10.98 -12.80
N LYS A 316 -1.32 -11.38 -13.28
CA LYS A 316 -1.43 -12.17 -14.50
C LYS A 316 -1.54 -11.25 -15.72
N MET A 317 -1.51 -9.94 -15.50
CA MET A 317 -1.72 -8.95 -16.56
C MET A 317 -0.52 -8.93 -17.50
N LYS A 318 -0.77 -8.81 -18.80
CA LYS A 318 0.30 -8.78 -19.83
C LYS A 318 1.47 -7.90 -19.35
N TYR A 319 1.14 -6.75 -18.74
CA TYR A 319 2.11 -5.75 -18.23
C TYR A 319 3.35 -6.43 -17.63
N PHE A 320 3.11 -7.47 -16.82
CA PHE A 320 4.14 -8.14 -16.04
C PHE A 320 4.91 -9.12 -16.92
N SER A 321 4.30 -9.57 -18.02
CA SER A 321 4.98 -10.55 -18.94
C SER A 321 5.59 -9.83 -20.17
N ASN A 322 5.45 -8.51 -20.28
CA ASN A 322 5.92 -7.74 -21.44
C ASN A 322 7.31 -7.15 -21.13
N ARG A 323 8.09 -6.93 -22.18
CA ARG A 323 9.28 -6.09 -22.08
C ARG A 323 8.83 -4.64 -21.90
N PRO A 324 9.62 -3.84 -21.19
CA PRO A 324 10.86 -4.28 -20.54
C PRO A 324 10.65 -5.02 -19.21
N GLY A 325 11.57 -5.93 -18.89
CA GLY A 325 11.47 -6.68 -17.63
C GLY A 325 11.72 -5.82 -16.39
N PRO A 326 11.41 -6.37 -15.20
CA PRO A 326 11.68 -5.67 -13.93
C PRO A 326 13.18 -5.68 -13.58
N THR A 327 13.67 -4.52 -13.21
CA THR A 327 15.03 -4.34 -12.74
C THR A 327 15.39 -5.38 -11.68
N PRO A 328 16.55 -6.03 -11.81
CA PRO A 328 17.20 -6.75 -10.74
C PRO A 328 17.20 -5.85 -9.50
N GLY A 329 16.91 -6.40 -8.33
CA GLY A 329 16.87 -5.64 -7.08
C GLY A 329 18.18 -4.92 -6.84
N CYS A 330 19.29 -5.57 -7.20
CA CYS A 330 20.58 -4.97 -6.95
C CYS A 330 20.81 -3.77 -7.87
N GLN A 331 19.93 -3.55 -8.88
CA GLN A 331 20.12 -2.43 -9.83
C GLN A 331 19.09 -1.34 -9.57
N LEU A 332 18.21 -1.53 -8.61
CA LEU A 332 17.17 -0.52 -8.36
C LEU A 332 17.81 0.74 -7.79
N PRO A 333 17.25 1.91 -8.12
CA PRO A 333 17.87 3.22 -7.80
C PRO A 333 18.01 3.46 -6.29
N ARG A 334 19.17 3.89 -5.81
CA ARG A 334 19.36 4.05 -4.38
C ARG A 334 19.76 5.50 -4.05
N PRO A 335 19.09 6.09 -3.03
CA PRO A 335 19.37 7.40 -2.47
C PRO A 335 20.54 7.36 -1.46
N ASN A 336 21.17 8.53 -1.27
CA ASN A 336 22.38 8.66 -0.45
C ASN A 336 22.01 9.35 0.87
C1 PEG B . 12.43 -10.55 -16.69
O1 PEG B . 11.61 -10.23 -17.82
C2 PEG B . 13.69 -9.67 -16.64
O2 PEG B . 13.95 -9.17 -15.32
C3 PEG B . 14.62 -10.11 -14.47
C4 PEG B . 15.32 -9.41 -13.31
O4 PEG B . 16.22 -10.33 -12.66
H11 PEG B . 11.86 -10.44 -15.77
H12 PEG B . 12.74 -11.60 -16.76
HO1 PEG B . 10.81 -10.81 -17.86
H21 PEG B . 14.54 -10.24 -17.01
H22 PEG B . 13.55 -8.83 -17.32
H31 PEG B . 13.88 -10.81 -14.07
H32 PEG B . 15.35 -10.69 -15.03
H41 PEG B . 15.88 -8.55 -13.68
H42 PEG B . 14.57 -9.04 -12.59
HO4 PEG B . 16.65 -9.87 -11.92
O1 I74 C . 8.45 1.30 9.87
C42 I74 C . 8.26 2.58 9.28
C43 I74 C . 6.99 2.58 8.43
N44 I74 C . 6.77 3.91 7.81
C45 I74 C . 6.68 4.99 8.84
C46 I74 C . 7.95 5.01 9.69
C41 I74 C . 8.16 3.66 10.37
C40 I74 C . 9.37 3.68 11.32
N18 I74 C . 10.63 3.86 10.64
C5 I74 C . 11.42 2.84 10.22
C4 I74 C . 12.63 3.10 9.55
C3 I74 C . 13.44 2.07 9.13
N2 I74 C . 13.01 0.79 9.40
N1 I74 C . 13.66 -0.37 9.07
C9 I74 C . 12.85 -1.31 9.53
C8 I74 C . 11.72 -0.83 10.16
C26 I74 C . 10.65 -1.69 10.78
C28 I74 C . 10.13 -1.10 12.09
C27 I74 C . 9.49 -1.96 9.83
C7 I74 C . 11.82 0.56 10.07
N6 I74 C . 11.02 1.57 10.48
N10 I74 C . 14.66 2.17 8.44
C11 I74 C . 15.26 3.41 7.99
C12 I74 C . 14.42 4.14 6.98
C17 I74 C . 14.72 5.44 6.62
C16 I74 C . 13.95 6.10 5.69
C15 I74 C . 12.86 5.47 5.12
C14 I74 C . 12.55 4.18 5.48
C13 I74 C . 13.31 3.52 6.40
H1 I74 C . 7.79 1.12 10.38
H2 I74 C . 9.04 2.77 8.70
H3 I74 C . 7.07 1.90 7.72
H4 I74 C . 6.22 2.35 8.98
H5 I74 C . 7.47 4.10 7.24
H7 I74 C . 6.58 5.85 8.38
H8 I74 C . 5.90 4.83 9.40
H9 I74 C . 8.71 5.23 9.13
H10 I74 C . 7.86 5.71 10.37
H11 I74 C . 7.37 3.46 10.91
H12 I74 C . 9.24 4.42 11.96
H13 I74 C . 9.38 2.84 11.82
H14 I74 C . 10.90 4.67 10.49
H15 I74 C . 12.89 4.01 9.39
H16 I74 C . 13.06 -2.23 9.45
H17 I74 C . 11.05 -2.56 10.99
H18 I74 C . 10.79 -0.46 12.44
H19 I74 C . 9.99 -1.81 12.74
H20 I74 C . 9.28 -0.64 11.92
H21 I74 C . 9.72 -1.62 8.94
H22 I74 C . 8.69 -1.49 10.14
H23 I74 C . 9.31 -2.91 9.78
H24 I74 C . 15.09 1.43 8.28
H25 I74 C . 16.13 3.22 7.60
H26 I74 C . 15.40 4.00 8.77
H27 I74 C . 15.47 5.87 7.01
H28 I74 C . 14.17 7.00 5.45
H29 I74 C . 12.32 5.93 4.48
H30 I74 C . 11.80 3.75 5.08
H31 I74 C . 13.09 2.63 6.64
H32 I74 C . 6.00 3.90 7.32
#